data_7CO3
#
_entry.id   7CO3
#
_cell.length_a   96.614
_cell.length_b   96.614
_cell.length_c   119.550
_cell.angle_alpha   90.000
_cell.angle_beta   90.000
_cell.angle_gamma   120.000
#
_symmetry.space_group_name_H-M   'P 63 2 2'
#
loop_
_entity.id
_entity.type
_entity.pdbx_description
1 polymer TRP-VAL-PHE
2 polymer 'AlgW protein'
3 water water
#
loop_
_entity_poly.entity_id
_entity_poly.type
_entity_poly.pdbx_seq_one_letter_code
_entity_poly.pdbx_strand_id
1 'polypeptide(L)' WVF C
2 'polypeptide(L)'
;MPKALRFLGWPVLVGVLLALLIIQHNPELVGLPRQEVHVEQAPLLSRLQEGPVSYANAVSRAAPAVANLYTTKMVSKPSH
PLFDDPMFRRFFGDNLPQQKRMESSLGSAVIMSAEGYLLTNNHVTAGADQIIVALRDGRETIAQLVGSDPETDLAVLKID
LKNLPAMTLGRSDGIRTGDVCLAIGNPFGVGQTVTMGIISATGRNQLGLNTYEDFIQTDAAINPGNAGGALVDAAGNLIG
INTAIFSKSGGSQGIGFAIPTKLALEVMQSIIEHGQVIRGWLGVEVKALTPELAESLGLGETAGIVVAGVYRDGPAARGG
LLPGDVILTIDKQEASDGRRSMNQVARTRPGQKISIVVLRNGQKVNLTAEVGLRPPPAPAPQQKQDGGE
;
A
#
# COMPACT_ATOMS: atom_id res chain seq x y z
N TRP A 1 13.18 -0.39 9.87
CA TRP A 1 11.73 -0.45 9.92
C TRP A 1 11.27 0.51 11.01
N VAL A 2 10.72 1.64 10.61
CA VAL A 2 10.36 2.66 11.60
C VAL A 2 8.98 2.30 12.15
N PHE A 3 8.91 2.13 13.46
CA PHE A 3 7.64 1.91 14.11
C PHE A 3 7.17 3.28 14.59
N VAL B 53 -7.91 -17.38 -27.12
CA VAL B 53 -9.07 -17.23 -26.23
C VAL B 53 -9.52 -15.78 -26.29
N SER B 54 -10.42 -15.31 -25.44
CA SER B 54 -10.71 -13.88 -25.41
C SER B 54 -10.95 -13.42 -23.99
N TYR B 55 -10.48 -12.22 -23.68
CA TYR B 55 -10.75 -11.56 -22.42
C TYR B 55 -11.78 -10.45 -22.58
N ALA B 56 -12.51 -10.44 -23.70
CA ALA B 56 -13.46 -9.37 -23.99
C ALA B 56 -14.51 -9.24 -22.89
N ASN B 57 -15.05 -10.37 -22.42
CA ASN B 57 -16.08 -10.33 -21.37
C ASN B 57 -15.55 -9.74 -20.09
N ALA B 58 -14.33 -10.14 -19.69
CA ALA B 58 -13.70 -9.52 -18.53
C ALA B 58 -13.53 -8.01 -18.73
N VAL B 59 -13.12 -7.57 -19.93
CA VAL B 59 -12.99 -6.13 -20.17
C VAL B 59 -14.35 -5.45 -20.09
N SER B 60 -15.36 -6.03 -20.76
CA SER B 60 -16.70 -5.47 -20.71
C SER B 60 -17.16 -5.28 -19.27
N ARG B 61 -16.77 -6.20 -18.39
CA ARG B 61 -17.21 -6.16 -17.02
C ARG B 61 -16.54 -5.01 -16.26
N ALA B 62 -15.22 -4.87 -16.40
CA ALA B 62 -14.42 -4.01 -15.52
C ALA B 62 -14.16 -2.63 -16.09
N ALA B 63 -13.99 -2.51 -17.39
CA ALA B 63 -13.62 -1.21 -17.97
C ALA B 63 -14.58 -0.07 -17.60
N PRO B 64 -15.92 -0.27 -17.52
CA PRO B 64 -16.78 0.87 -17.15
C PRO B 64 -16.48 1.47 -15.79
N ALA B 65 -15.88 0.69 -14.90
CA ALA B 65 -15.57 1.13 -13.55
C ALA B 65 -14.14 1.66 -13.40
N VAL B 66 -13.41 1.87 -14.49
CA VAL B 66 -12.09 2.48 -14.44
C VAL B 66 -12.17 3.82 -15.16
N ALA B 67 -11.69 4.87 -14.50
CA ALA B 67 -11.80 6.24 -15.01
C ALA B 67 -10.42 6.80 -15.28
N ASN B 68 -10.38 7.86 -16.11
CA ASN B 68 -9.21 8.70 -16.26
C ASN B 68 -9.21 9.85 -15.25
N LEU B 69 -8.03 10.18 -14.74
CA LEU B 69 -7.82 11.31 -13.84
C LEU B 69 -6.94 12.33 -14.54
N TYR B 70 -7.37 13.60 -14.49
CA TYR B 70 -6.62 14.77 -14.97
C TYR B 70 -6.54 15.76 -13.82
N THR B 71 -5.32 16.02 -13.35
CA THR B 71 -5.07 16.82 -12.17
C THR B 71 -4.24 18.05 -12.54
N THR B 72 -4.57 19.19 -11.94
CA THR B 72 -3.80 20.41 -12.10
C THR B 72 -3.28 20.84 -10.74
N LYS B 73 -2.02 21.26 -10.71
CA LYS B 73 -1.23 21.50 -9.51
C LYS B 73 -0.23 22.61 -9.83
N MET B 74 0.44 23.13 -8.80
CA MET B 74 1.51 24.10 -9.03
C MET B 74 2.89 23.50 -8.76
N GLU B 103 2.36 21.04 -13.95
CA GLU B 103 1.13 21.73 -13.57
C GLU B 103 -0.13 20.97 -13.97
N SER B 104 -0.08 20.28 -15.09
CA SER B 104 -1.11 19.31 -15.43
C SER B 104 -0.48 17.92 -15.48
N SER B 105 -1.21 16.91 -14.97
CA SER B 105 -0.73 15.53 -15.02
C SER B 105 -1.94 14.59 -15.05
N LEU B 106 -1.65 13.32 -15.30
CA LEU B 106 -2.61 12.33 -15.75
C LEU B 106 -2.51 11.09 -14.88
N GLY B 107 -3.56 10.27 -14.89
CA GLY B 107 -3.57 9.05 -14.10
C GLY B 107 -4.87 8.31 -14.31
N SER B 108 -5.10 7.31 -13.46
CA SER B 108 -6.34 6.54 -13.51
C SER B 108 -6.88 6.41 -12.09
N ALA B 109 -8.07 5.81 -11.97
CA ALA B 109 -8.70 5.60 -10.68
C ALA B 109 -9.78 4.53 -10.84
N VAL B 110 -10.15 3.89 -9.74
CA VAL B 110 -11.14 2.83 -9.79
C VAL B 110 -12.37 3.19 -8.95
N ILE B 111 -13.55 3.08 -9.57
CA ILE B 111 -14.81 3.28 -8.86
C ILE B 111 -15.09 2.06 -8.00
N MET B 112 -15.06 2.25 -6.69
CA MET B 112 -15.25 1.16 -5.74
C MET B 112 -16.68 1.01 -5.24
N SER B 113 -17.53 2.04 -5.28
CA SER B 113 -18.93 1.85 -4.88
C SER B 113 -19.82 2.83 -5.64
N ALA B 114 -21.10 2.44 -5.76
CA ALA B 114 -22.05 3.21 -6.56
C ALA B 114 -22.28 4.59 -5.98
N GLU B 115 -21.94 4.77 -4.70
CA GLU B 115 -22.00 6.07 -4.04
C GLU B 115 -21.01 7.07 -4.60
N GLY B 116 -20.05 6.64 -5.43
CA GLY B 116 -19.08 7.53 -6.03
C GLY B 116 -17.73 7.64 -5.35
N TYR B 117 -17.31 6.64 -4.57
CA TYR B 117 -15.97 6.59 -4.01
C TYR B 117 -15.00 5.92 -5.00
N LEU B 118 -13.80 6.46 -5.09
CA LEU B 118 -12.81 6.00 -6.07
C LEU B 118 -11.50 5.85 -5.35
N LEU B 119 -10.78 4.79 -5.71
CA LEU B 119 -9.39 4.61 -5.30
C LEU B 119 -8.44 5.02 -6.43
N THR B 120 -7.30 5.63 -6.04
CA THR B 120 -6.20 5.94 -6.95
C THR B 120 -4.93 5.99 -6.10
N ASN B 121 -3.78 6.32 -6.73
CA ASN B 121 -2.54 6.47 -5.96
C ASN B 121 -2.40 7.84 -5.32
N ASN B 122 -1.72 7.88 -4.17
CA ASN B 122 -1.41 9.18 -3.55
C ASN B 122 -0.61 10.07 -4.48
N HIS B 123 0.42 9.50 -5.13
CA HIS B 123 1.27 10.36 -5.96
C HIS B 123 0.54 10.94 -7.15
N VAL B 124 -0.64 10.44 -7.50
CA VAL B 124 -1.35 11.01 -8.64
C VAL B 124 -2.05 12.31 -8.24
N THR B 125 -2.65 12.34 -7.04
CA THR B 125 -3.52 13.43 -6.62
C THR B 125 -2.88 14.34 -5.57
N ALA B 126 -1.74 13.94 -5.02
CA ALA B 126 -1.08 14.68 -3.94
C ALA B 126 -0.84 16.13 -4.34
N GLY B 127 -1.39 17.06 -3.54
CA GLY B 127 -1.20 18.47 -3.80
C GLY B 127 -1.97 18.99 -4.99
N ALA B 128 -2.87 18.22 -5.56
CA ALA B 128 -3.58 18.73 -6.70
C ALA B 128 -4.57 19.80 -6.25
N ASP B 129 -4.78 20.80 -7.11
CA ASP B 129 -5.75 21.83 -6.80
C ASP B 129 -7.09 21.57 -7.47
N GLN B 130 -7.09 20.84 -8.59
CA GLN B 130 -8.32 20.36 -9.19
C GLN B 130 -8.10 18.94 -9.70
N ILE B 131 -9.14 18.11 -9.60
CA ILE B 131 -9.12 16.71 -10.04
C ILE B 131 -10.37 16.46 -10.85
N ILE B 132 -10.21 16.17 -12.14
CA ILE B 132 -11.30 15.76 -13.02
C ILE B 132 -11.27 14.25 -13.21
N VAL B 133 -12.45 13.65 -13.06
CA VAL B 133 -12.70 12.24 -13.30
C VAL B 133 -13.42 12.13 -14.64
N ALA B 134 -12.91 11.29 -15.54
CA ALA B 134 -13.53 11.07 -16.83
C ALA B 134 -13.91 9.60 -16.96
N LEU B 135 -15.21 9.34 -17.09
CA LEU B 135 -15.69 7.97 -17.12
C LEU B 135 -15.69 7.43 -18.54
N ARG B 136 -15.70 6.10 -18.64
CA ARG B 136 -15.72 5.45 -19.94
C ARG B 136 -16.93 5.85 -20.78
N ASP B 137 -18.06 6.17 -20.13
CA ASP B 137 -19.26 6.52 -20.88
C ASP B 137 -19.22 7.94 -21.42
N GLY B 138 -18.19 8.70 -21.09
CA GLY B 138 -18.07 10.07 -21.55
C GLY B 138 -18.36 11.13 -20.51
N ARG B 139 -19.04 10.80 -19.42
CA ARG B 139 -19.32 11.81 -18.39
C ARG B 139 -18.02 12.26 -17.75
N GLU B 140 -17.94 13.54 -17.43
CA GLU B 140 -16.85 14.12 -16.68
C GLU B 140 -17.39 14.86 -15.47
N THR B 141 -16.59 14.89 -14.40
CA THR B 141 -16.98 15.58 -13.18
C THR B 141 -15.75 15.90 -12.37
N ILE B 142 -15.88 16.90 -11.51
CA ILE B 142 -14.81 17.24 -10.58
C ILE B 142 -14.94 16.33 -9.38
N ALA B 143 -13.80 15.90 -8.84
CA ALA B 143 -13.79 15.02 -7.68
C ALA B 143 -13.30 15.79 -6.47
N GLN B 144 -13.70 15.32 -5.29
CA GLN B 144 -13.18 15.80 -4.02
C GLN B 144 -12.24 14.76 -3.43
N LEU B 145 -11.25 15.23 -2.68
CA LEU B 145 -10.32 14.35 -2.00
C LEU B 145 -10.88 13.98 -0.63
N VAL B 146 -11.23 12.71 -0.44
CA VAL B 146 -11.70 12.26 0.87
C VAL B 146 -10.54 12.25 1.87
N GLY B 147 -9.46 11.59 1.52
CA GLY B 147 -8.23 11.57 2.28
C GLY B 147 -7.24 10.76 1.49
N SER B 148 -6.02 10.74 1.98
CA SER B 148 -4.92 10.13 1.26
C SER B 148 -4.04 9.45 2.27
N ASP B 149 -3.20 8.53 1.80
CA ASP B 149 -2.37 7.71 2.68
C ASP B 149 -1.00 7.51 2.02
N PRO B 150 -0.12 8.48 2.20
CA PRO B 150 1.20 8.39 1.58
C PRO B 150 1.98 7.13 1.92
N GLU B 151 1.73 6.51 3.07
CA GLU B 151 2.62 5.41 3.41
C GLU B 151 2.23 4.12 2.72
N THR B 152 1.06 4.07 2.07
CA THR B 152 0.78 2.99 1.14
C THR B 152 0.64 3.47 -0.30
N ASP B 153 0.87 4.75 -0.56
CA ASP B 153 0.59 5.39 -1.87
C ASP B 153 -0.85 5.20 -2.31
N LEU B 154 -1.81 5.47 -1.41
CA LEU B 154 -3.21 5.40 -1.80
C LEU B 154 -3.94 6.69 -1.49
N ALA B 155 -5.03 6.93 -2.21
CA ALA B 155 -5.85 8.10 -1.93
C ALA B 155 -7.27 7.75 -2.33
N VAL B 156 -8.23 8.39 -1.66
CA VAL B 156 -9.65 8.17 -1.91
C VAL B 156 -10.26 9.47 -2.39
N LEU B 157 -11.08 9.37 -3.41
CA LEU B 157 -11.80 10.46 -4.04
C LEU B 157 -13.28 10.15 -3.94
N LYS B 158 -14.10 11.19 -4.07
CA LYS B 158 -15.54 11.11 -4.05
C LYS B 158 -16.10 11.96 -5.18
N ILE B 159 -17.08 11.42 -5.91
CA ILE B 159 -17.79 12.14 -6.94
C ILE B 159 -19.29 12.01 -6.70
N ASP B 160 -20.04 12.94 -7.25
CA ASP B 160 -21.50 13.02 -7.14
C ASP B 160 -22.09 12.79 -8.52
N LEU B 161 -22.48 11.55 -8.81
CA LEU B 161 -22.94 11.14 -10.13
C LEU B 161 -23.81 9.90 -9.99
N LYS B 162 -24.80 9.78 -10.87
CA LYS B 162 -25.83 8.76 -10.77
C LYS B 162 -25.53 7.57 -11.67
N ASN B 163 -26.07 6.41 -11.27
CA ASN B 163 -26.00 5.17 -12.07
C ASN B 163 -24.56 4.81 -12.41
N LEU B 164 -23.73 4.81 -11.39
CA LEU B 164 -22.30 4.56 -11.54
C LEU B 164 -22.02 3.05 -11.58
N PRO B 165 -21.12 2.59 -12.48
CA PRO B 165 -20.74 1.17 -12.47
C PRO B 165 -19.62 0.91 -11.48
N ALA B 166 -19.81 -0.03 -10.58
CA ALA B 166 -18.81 -0.32 -9.56
C ALA B 166 -18.03 -1.60 -9.91
N MET B 167 -16.75 -1.59 -9.59
CA MET B 167 -15.90 -2.75 -9.77
C MET B 167 -16.34 -3.89 -8.85
N THR B 168 -16.31 -5.10 -9.38
CA THR B 168 -16.41 -6.30 -8.55
C THR B 168 -15.05 -6.57 -7.94
N LEU B 169 -15.04 -7.16 -6.74
CA LEU B 169 -13.79 -7.44 -6.07
C LEU B 169 -13.33 -8.87 -6.29
N GLY B 170 -12.06 -9.04 -6.57
CA GLY B 170 -11.42 -10.35 -6.56
C GLY B 170 -10.86 -10.65 -5.19
N ARG B 171 -10.08 -11.72 -5.13
CA ARG B 171 -9.44 -12.14 -3.89
C ARG B 171 -7.93 -12.09 -4.11
N SER B 172 -7.28 -11.07 -3.57
CA SER B 172 -5.86 -10.87 -3.86
C SER B 172 -5.00 -11.93 -3.16
N ASP B 173 -5.47 -12.52 -2.06
CA ASP B 173 -4.74 -13.68 -1.53
C ASP B 173 -5.04 -14.93 -2.35
N GLY B 174 -6.22 -14.97 -2.99
CA GLY B 174 -6.63 -16.08 -3.84
C GLY B 174 -5.92 -16.16 -5.18
N ILE B 175 -4.98 -15.28 -5.48
CA ILE B 175 -4.31 -15.34 -6.77
C ILE B 175 -3.07 -16.20 -6.64
N ARG B 176 -2.69 -16.84 -7.75
CA ARG B 176 -1.45 -17.59 -7.84
C ARG B 176 -0.62 -16.98 -8.96
N THR B 177 0.71 -17.03 -8.78
CA THR B 177 1.65 -16.72 -9.84
C THR B 177 1.40 -17.60 -11.06
N GLY B 178 1.34 -16.97 -12.23
CA GLY B 178 0.97 -17.67 -13.44
C GLY B 178 -0.47 -17.45 -13.87
N ASP B 179 -1.33 -17.00 -12.98
CA ASP B 179 -2.68 -16.60 -13.38
C ASP B 179 -2.61 -15.44 -14.37
N VAL B 180 -3.56 -15.37 -15.29
CA VAL B 180 -3.64 -14.25 -16.23
C VAL B 180 -4.26 -13.03 -15.56
N CYS B 181 -3.73 -11.83 -15.85
CA CYS B 181 -4.38 -10.60 -15.36
C CYS B 181 -4.38 -9.54 -16.45
N LEU B 182 -5.22 -8.53 -16.21
CA LEU B 182 -5.42 -7.41 -17.12
C LEU B 182 -5.18 -6.09 -16.37
N ALA B 183 -4.40 -5.18 -16.96
CA ALA B 183 -4.20 -3.83 -16.45
C ALA B 183 -5.10 -2.88 -17.26
N ILE B 184 -5.74 -1.93 -16.57
CA ILE B 184 -6.68 -0.98 -17.19
C ILE B 184 -6.30 0.41 -16.74
N GLY B 185 -5.96 1.28 -17.69
CA GLY B 185 -5.49 2.59 -17.33
C GLY B 185 -5.39 3.48 -18.54
N ASN B 186 -4.71 4.60 -18.37
CA ASN B 186 -4.57 5.63 -19.42
C ASN B 186 -3.09 5.88 -19.72
N PRO B 187 -2.37 4.89 -20.25
CA PRO B 187 -0.92 5.09 -20.45
C PRO B 187 -0.64 6.21 -21.43
N PHE B 188 0.28 7.08 -21.05
CA PHE B 188 0.69 8.25 -21.83
C PHE B 188 -0.48 9.14 -22.26
N GLY B 189 -1.68 8.97 -21.66
CA GLY B 189 -2.83 9.75 -22.08
C GLY B 189 -3.41 9.34 -23.43
N VAL B 190 -3.13 8.13 -23.90
CA VAL B 190 -3.66 7.73 -25.21
C VAL B 190 -5.16 7.42 -25.14
N GLY B 191 -5.71 7.30 -23.96
CA GLY B 191 -7.04 6.74 -23.79
C GLY B 191 -7.01 5.51 -22.90
N GLN B 192 -8.19 5.18 -22.40
CA GLN B 192 -8.32 3.95 -21.64
C GLN B 192 -7.76 2.80 -22.45
N THR B 193 -6.94 1.98 -21.80
CA THR B 193 -6.13 0.98 -22.48
C THR B 193 -6.13 -0.30 -21.66
N VAL B 194 -6.33 -1.44 -22.31
CA VAL B 194 -6.27 -2.72 -21.61
C VAL B 194 -5.02 -3.45 -22.05
N THR B 195 -4.21 -3.89 -21.10
CA THR B 195 -3.08 -4.76 -21.41
C THR B 195 -3.20 -6.07 -20.65
N MET B 196 -2.52 -7.10 -21.14
CA MET B 196 -2.67 -8.45 -20.62
C MET B 196 -1.30 -9.03 -20.28
N GLY B 197 -1.25 -9.78 -19.18
CA GLY B 197 -0.07 -10.53 -18.83
C GLY B 197 -0.41 -11.57 -17.76
N ILE B 198 0.58 -11.92 -16.95
CA ILE B 198 0.33 -12.85 -15.84
C ILE B 198 0.79 -12.21 -14.54
N ILE B 199 0.29 -12.76 -13.43
CA ILE B 199 0.90 -12.53 -12.12
C ILE B 199 2.31 -13.10 -12.17
N SER B 200 3.31 -12.23 -12.03
CA SER B 200 4.71 -12.61 -12.10
C SER B 200 5.25 -13.06 -10.75
N ALA B 201 4.65 -12.57 -9.67
CA ALA B 201 5.05 -12.82 -8.28
C ALA B 201 4.10 -12.04 -7.40
N THR B 202 4.07 -12.42 -6.13
CA THR B 202 3.26 -11.70 -5.14
C THR B 202 4.11 -11.42 -3.91
N GLY B 203 3.61 -10.52 -3.06
CA GLY B 203 4.25 -10.24 -1.79
C GLY B 203 5.52 -9.42 -1.91
N ARG B 204 5.63 -8.58 -2.96
CA ARG B 204 6.88 -7.82 -3.16
C ARG B 204 6.92 -6.67 -2.17
N ASN B 205 7.65 -6.91 -1.10
CA ASN B 205 8.19 -5.87 -0.25
C ASN B 205 9.67 -5.84 -0.56
N GLN B 206 10.40 -4.92 0.06
CA GLN B 206 11.83 -4.69 -0.18
C GLN B 206 12.04 -3.94 -1.48
N LEU B 207 10.97 -3.40 -2.10
CA LEU B 207 11.12 -2.57 -3.29
C LEU B 207 11.59 -1.17 -2.92
N GLY B 208 11.36 -0.75 -1.67
CA GLY B 208 11.79 0.57 -1.25
C GLY B 208 10.98 1.70 -1.84
N LEU B 209 9.72 1.45 -2.18
CA LEU B 209 8.83 2.48 -2.72
C LEU B 209 7.94 3.09 -1.65
N ASN B 210 7.31 2.25 -0.82
CA ASN B 210 6.38 2.72 0.20
C ASN B 210 6.75 2.08 1.54
N THR B 211 6.26 2.69 2.62
CA THR B 211 6.54 2.13 3.94
C THR B 211 5.88 0.76 4.11
N TYR B 212 4.63 0.63 3.70
CA TYR B 212 3.88 -0.63 3.80
C TYR B 212 3.69 -1.21 2.39
N GLU B 213 4.51 -2.20 2.04
CA GLU B 213 4.55 -2.78 0.70
C GLU B 213 4.11 -4.24 0.75
N ASP B 214 3.32 -4.62 -0.24
CA ASP B 214 2.92 -6.01 -0.43
C ASP B 214 2.58 -6.26 -1.91
N PHE B 215 3.42 -5.77 -2.81
CA PHE B 215 3.03 -5.64 -4.22
C PHE B 215 2.80 -6.99 -4.90
N ILE B 216 1.79 -7.03 -5.70
CA ILE B 216 1.67 -7.96 -6.81
C ILE B 216 2.57 -7.44 -7.94
N GLN B 217 3.31 -8.35 -8.56
CA GLN B 217 4.15 -8.06 -9.73
C GLN B 217 3.45 -8.62 -10.98
N THR B 218 3.49 -7.89 -12.10
CA THR B 218 2.82 -8.38 -13.31
C THR B 218 3.62 -7.99 -14.53
N ASP B 219 3.57 -8.82 -15.59
CA ASP B 219 4.19 -8.38 -16.84
C ASP B 219 3.19 -7.76 -17.81
N ALA B 220 1.92 -7.55 -17.40
CA ALA B 220 1.03 -6.74 -18.23
C ALA B 220 1.62 -5.34 -18.39
N ALA B 221 1.70 -4.85 -19.63
CA ALA B 221 2.44 -3.62 -19.90
C ALA B 221 1.81 -2.49 -19.09
N ILE B 222 2.63 -1.82 -18.31
CA ILE B 222 2.20 -0.76 -17.43
C ILE B 222 3.15 0.39 -17.61
N ASN B 223 2.60 1.56 -17.89
CA ASN B 223 3.33 2.76 -18.27
C ASN B 223 2.90 3.96 -17.46
N PRO B 224 3.69 5.04 -17.44
CA PRO B 224 3.19 6.32 -16.88
C PRO B 224 1.82 6.63 -17.44
N GLY B 225 0.90 7.03 -16.56
CA GLY B 225 -0.51 7.10 -16.90
C GLY B 225 -1.35 5.94 -16.37
N ASN B 226 -0.75 4.77 -16.09
CA ASN B 226 -1.50 3.63 -15.52
C ASN B 226 -1.75 3.77 -14.01
N ALA B 227 -1.02 4.65 -13.33
CA ALA B 227 -1.08 4.72 -11.88
C ALA B 227 -2.49 5.04 -11.40
N GLY B 228 -2.98 4.26 -10.43
CA GLY B 228 -4.31 4.41 -9.88
C GLY B 228 -5.37 3.59 -10.56
N GLY B 229 -5.05 2.93 -11.68
CA GLY B 229 -5.99 2.11 -12.42
C GLY B 229 -6.03 0.69 -11.91
N ALA B 230 -6.83 -0.15 -12.60
CA ALA B 230 -7.18 -1.48 -12.10
C ALA B 230 -6.25 -2.57 -12.63
N LEU B 231 -5.81 -3.46 -11.75
CA LEU B 231 -5.36 -4.79 -12.16
C LEU B 231 -6.50 -5.75 -11.89
N VAL B 232 -6.88 -6.51 -12.90
CA VAL B 232 -8.06 -7.35 -12.85
C VAL B 232 -7.70 -8.79 -13.19
N ASP B 233 -8.44 -9.75 -12.62
CA ASP B 233 -8.18 -11.16 -12.91
C ASP B 233 -8.84 -11.52 -14.23
N ALA B 234 -8.71 -12.79 -14.65
CA ALA B 234 -9.19 -13.17 -15.98
C ALA B 234 -10.71 -13.07 -16.13
N ALA B 235 -11.45 -12.97 -15.03
CA ALA B 235 -12.90 -12.78 -15.09
C ALA B 235 -13.31 -11.33 -14.89
N GLY B 236 -12.34 -10.42 -14.74
CA GLY B 236 -12.69 -9.02 -14.59
C GLY B 236 -12.84 -8.54 -13.16
N ASN B 237 -12.50 -9.35 -12.15
CA ASN B 237 -12.60 -8.89 -10.79
C ASN B 237 -11.33 -8.19 -10.36
N LEU B 238 -11.47 -7.17 -9.52
CA LEU B 238 -10.34 -6.36 -9.09
C LEU B 238 -9.44 -7.10 -8.11
N ILE B 239 -8.16 -7.19 -8.46
CA ILE B 239 -7.15 -7.74 -7.57
C ILE B 239 -6.10 -6.73 -7.14
N GLY B 240 -6.02 -5.55 -7.75
CA GLY B 240 -4.99 -4.63 -7.29
C GLY B 240 -5.13 -3.27 -7.94
N ILE B 241 -4.34 -2.35 -7.43
CA ILE B 241 -4.25 -0.98 -7.93
C ILE B 241 -2.85 -0.81 -8.48
N ASN B 242 -2.74 -0.66 -9.80
CA ASN B 242 -1.46 -0.46 -10.46
C ASN B 242 -0.79 0.81 -9.99
N THR B 243 0.49 0.72 -9.70
CA THR B 243 1.19 1.74 -8.92
C THR B 243 2.52 2.18 -9.51
N ALA B 244 3.38 1.21 -9.80
CA ALA B 244 4.77 1.47 -10.12
C ALA B 244 5.30 0.46 -11.15
N ILE B 245 6.46 0.79 -11.71
CA ILE B 245 7.20 -0.09 -12.59
C ILE B 245 8.68 -0.01 -12.26
N PHE B 246 9.41 -1.01 -12.72
CA PHE B 246 10.86 -0.96 -12.72
C PHE B 246 11.30 -0.96 -14.18
N SER B 247 12.06 0.05 -14.54
CA SER B 247 12.43 0.21 -15.93
C SER B 247 13.69 1.03 -16.04
N LYS B 248 14.51 0.70 -17.03
CA LYS B 248 15.65 1.51 -17.41
C LYS B 248 15.36 2.44 -18.57
N SER B 249 14.10 2.57 -18.98
CA SER B 249 13.75 3.27 -20.23
C SER B 249 12.60 4.27 -20.11
N GLY B 250 12.00 4.46 -18.94
CA GLY B 250 10.87 5.38 -18.89
C GLY B 250 9.54 4.76 -19.25
N GLY B 251 9.53 3.50 -19.66
CA GLY B 251 8.28 2.83 -19.95
C GLY B 251 8.39 1.34 -19.72
N SER B 252 7.32 0.63 -20.08
CA SER B 252 7.19 -0.75 -19.63
C SER B 252 8.33 -1.60 -20.18
N GLN B 253 8.92 -2.39 -19.29
CA GLN B 253 9.81 -3.50 -19.62
C GLN B 253 9.30 -4.80 -19.03
N GLY B 254 7.98 -4.88 -18.75
CA GLY B 254 7.35 -6.08 -18.24
C GLY B 254 7.51 -6.33 -16.74
N ILE B 255 7.97 -5.35 -15.98
CA ILE B 255 8.12 -5.48 -14.52
C ILE B 255 7.26 -4.37 -13.89
N GLY B 256 6.00 -4.65 -13.60
CA GLY B 256 5.12 -3.67 -12.96
C GLY B 256 4.55 -4.16 -11.63
N PHE B 257 4.00 -3.23 -10.84
CA PHE B 257 3.67 -3.52 -9.43
C PHE B 257 2.31 -2.94 -9.09
N ALA B 258 1.44 -3.77 -8.50
CA ALA B 258 0.10 -3.36 -8.12
C ALA B 258 -0.11 -3.58 -6.61
N ILE B 259 -0.82 -2.64 -5.96
CA ILE B 259 -1.18 -2.80 -4.55
C ILE B 259 -2.33 -3.79 -4.43
N PRO B 260 -2.17 -4.86 -3.68
CA PRO B 260 -3.24 -5.87 -3.57
C PRO B 260 -4.54 -5.30 -3.00
N THR B 261 -5.66 -5.88 -3.46
CA THR B 261 -6.99 -5.41 -3.09
C THR B 261 -7.20 -5.45 -1.58
N LYS B 262 -6.69 -6.51 -0.94
CA LYS B 262 -6.88 -6.70 0.51
C LYS B 262 -6.27 -5.55 1.30
N LEU B 263 -5.06 -5.14 0.96
CA LEU B 263 -4.48 -3.94 1.55
C LEU B 263 -5.26 -2.70 1.18
N ALA B 264 -5.61 -2.55 -0.11
CA ALA B 264 -6.22 -1.29 -0.55
C ALA B 264 -7.60 -1.08 0.07
N LEU B 265 -8.37 -2.17 0.25
CA LEU B 265 -9.72 -2.03 0.81
C LEU B 265 -9.68 -1.56 2.26
N GLU B 266 -8.73 -2.08 3.05
CA GLU B 266 -8.51 -1.60 4.43
C GLU B 266 -8.33 -0.10 4.44
N VAL B 267 -7.25 0.37 3.80
CA VAL B 267 -6.95 1.79 3.64
C VAL B 267 -8.18 2.58 3.22
N MET B 268 -8.88 2.13 2.16
CA MET B 268 -10.04 2.85 1.67
C MET B 268 -11.12 3.00 2.75
N GLN B 269 -11.43 1.90 3.44
CA GLN B 269 -12.47 1.92 4.47
C GLN B 269 -12.13 2.91 5.57
N SER B 270 -10.88 2.91 6.04
CA SER B 270 -10.50 3.81 7.13
C SER B 270 -10.47 5.26 6.69
N ILE B 271 -10.06 5.53 5.44
CA ILE B 271 -10.05 6.91 4.97
C ILE B 271 -11.48 7.43 4.89
N ILE B 272 -12.39 6.60 4.39
CA ILE B 272 -13.77 7.00 4.30
C ILE B 272 -14.32 7.31 5.70
N GLU B 273 -13.79 6.65 6.72
CA GLU B 273 -14.36 6.73 8.06
C GLU B 273 -13.73 7.85 8.87
N HIS B 274 -12.40 7.92 8.84
CA HIS B 274 -11.63 8.76 9.72
C HIS B 274 -10.75 9.76 8.97
N GLY B 275 -10.92 9.88 7.66
CA GLY B 275 -10.16 10.82 6.84
C GLY B 275 -8.72 10.46 6.59
N GLN B 276 -8.21 9.46 7.27
CA GLN B 276 -6.85 8.95 7.11
C GLN B 276 -6.88 7.56 7.70
N VAL B 277 -5.71 6.95 7.80
CA VAL B 277 -5.58 5.67 8.47
C VAL B 277 -4.83 5.92 9.76
N ILE B 278 -5.42 5.43 10.85
CA ILE B 278 -4.90 5.56 12.20
C ILE B 278 -3.97 4.39 12.43
N ARG B 279 -2.68 4.66 12.57
CA ARG B 279 -1.76 3.56 12.82
C ARG B 279 -1.30 3.61 14.27
N GLY B 280 -0.97 2.44 14.79
CA GLY B 280 -0.26 2.40 16.05
C GLY B 280 1.16 2.86 15.81
N TRP B 281 1.64 3.76 16.65
CA TRP B 281 2.83 4.53 16.37
C TRP B 281 3.84 4.40 17.51
N LEU B 282 5.07 4.14 17.15
CA LEU B 282 6.10 3.91 18.13
C LEU B 282 7.23 4.92 18.05
N GLY B 283 7.82 5.11 16.87
CA GLY B 283 9.02 5.93 16.79
C GLY B 283 10.28 5.18 17.18
N VAL B 284 10.51 4.02 16.55
CA VAL B 284 11.59 3.12 16.94
C VAL B 284 12.06 2.39 15.68
N GLU B 285 13.26 1.82 15.75
CA GLU B 285 13.84 1.11 14.63
C GLU B 285 13.94 -0.38 14.92
N VAL B 286 14.31 -1.11 13.88
CA VAL B 286 14.69 -2.51 14.00
C VAL B 286 15.18 -3.02 12.66
N LYS B 287 16.23 -3.86 12.68
CA LYS B 287 16.77 -4.45 11.46
C LYS B 287 17.11 -5.94 11.67
N ALA B 288 17.65 -6.57 10.64
CA ALA B 288 17.70 -8.04 10.63
C ALA B 288 18.58 -8.59 11.74
N LEU B 289 18.40 -9.88 12.00
CA LEU B 289 19.23 -10.64 12.94
C LEU B 289 20.47 -11.09 12.19
N THR B 290 21.52 -10.31 12.28
CA THR B 290 22.78 -10.69 11.66
C THR B 290 23.23 -12.04 12.25
N PRO B 291 24.06 -12.83 11.55
CA PRO B 291 24.31 -14.20 12.07
C PRO B 291 25.25 -14.32 13.28
N GLU B 292 26.35 -13.55 13.35
CA GLU B 292 27.35 -13.76 14.41
C GLU B 292 26.93 -13.15 15.75
N LEU B 293 26.18 -12.04 15.75
CA LEU B 293 25.57 -11.52 16.99
C LEU B 293 24.63 -12.54 17.62
N ALA B 294 23.86 -13.27 16.80
CA ALA B 294 22.99 -14.33 17.29
C ALA B 294 23.62 -15.70 17.21
N GLU B 295 24.79 -15.80 16.60
CA GLU B 295 25.59 -17.00 16.68
C GLU B 295 25.82 -17.40 18.13
N SER B 296 26.43 -16.49 18.91
CA SER B 296 26.70 -16.73 20.33
C SER B 296 25.41 -16.93 21.10
N LEU B 297 24.37 -16.20 20.72
CA LEU B 297 23.03 -16.39 21.25
C LEU B 297 22.64 -17.86 21.13
N GLY B 298 21.93 -18.36 22.14
CA GLY B 298 21.69 -19.80 22.23
C GLY B 298 20.82 -20.34 21.11
N LEU B 299 19.80 -19.58 20.72
CA LEU B 299 18.92 -19.98 19.63
C LEU B 299 19.70 -20.03 18.31
N GLY B 300 19.19 -20.81 17.35
CA GLY B 300 19.88 -21.03 16.09
C GLY B 300 19.23 -20.47 14.84
N GLU B 301 19.67 -19.27 14.45
CA GLU B 301 19.26 -18.56 13.21
C GLU B 301 17.74 -18.59 13.00
N THR B 302 16.94 -18.59 14.07
CA THR B 302 15.53 -18.37 13.80
C THR B 302 14.88 -17.77 15.04
N ALA B 303 13.66 -17.27 14.84
CA ALA B 303 12.70 -17.07 15.90
C ALA B 303 13.06 -15.86 16.76
N GLY B 304 13.70 -14.88 16.14
CA GLY B 304 14.01 -13.64 16.83
C GLY B 304 14.57 -12.63 15.86
N ILE B 305 14.88 -11.45 16.37
CA ILE B 305 15.06 -10.27 15.54
C ILE B 305 15.94 -9.31 16.30
N VAL B 306 16.83 -8.65 15.60
CA VAL B 306 17.74 -7.77 16.31
C VAL B 306 17.31 -6.32 16.15
N VAL B 307 17.50 -5.56 17.23
CA VAL B 307 17.02 -4.19 17.32
C VAL B 307 18.17 -3.20 17.32
N ALA B 308 17.89 -2.01 16.78
CA ALA B 308 18.72 -0.88 17.15
C ALA B 308 18.05 0.41 16.71
N GLY B 309 18.38 1.49 17.39
CA GLY B 309 18.15 2.87 16.96
C GLY B 309 16.76 3.38 17.31
N VAL B 310 16.69 4.60 17.86
CA VAL B 310 15.49 5.04 18.54
C VAL B 310 15.22 6.51 18.25
N TYR B 311 13.97 6.80 17.90
CA TYR B 311 13.49 8.15 17.69
C TYR B 311 13.10 8.76 19.03
N ARG B 312 12.96 10.09 19.06
CA ARG B 312 12.94 10.83 20.32
C ARG B 312 11.75 11.78 20.39
N ASP B 313 11.46 12.19 21.63
CA ASP B 313 10.34 13.00 22.11
C ASP B 313 9.04 12.20 22.13
N GLY B 314 9.06 10.93 21.74
CA GLY B 314 7.84 10.15 21.67
C GLY B 314 7.80 9.01 22.67
N PRO B 315 6.79 8.14 22.56
CA PRO B 315 6.50 7.22 23.67
C PRO B 315 7.56 6.17 23.96
N ALA B 316 8.23 5.62 22.94
CA ALA B 316 9.37 4.75 23.23
C ALA B 316 10.46 5.50 23.95
N ALA B 317 10.73 6.73 23.51
CA ALA B 317 11.58 7.67 24.25
C ALA B 317 11.11 7.79 25.68
N ARG B 318 9.85 8.15 25.89
CA ARG B 318 9.34 8.33 27.25
C ARG B 318 9.18 7.01 27.98
N GLY B 319 9.12 5.90 27.24
CA GLY B 319 8.95 4.56 27.78
C GLY B 319 10.24 3.90 28.16
N GLY B 320 11.35 4.60 27.99
CA GLY B 320 12.66 4.07 28.28
C GLY B 320 13.30 3.21 27.22
N LEU B 321 12.96 3.42 25.93
CA LEU B 321 13.51 2.69 24.81
C LEU B 321 14.60 3.51 24.13
N LEU B 322 15.46 2.83 23.37
CA LEU B 322 16.80 3.38 23.19
C LEU B 322 17.68 2.53 22.25
N PRO B 323 18.63 3.18 21.56
CA PRO B 323 19.42 2.46 20.55
C PRO B 323 20.26 1.39 21.21
N GLY B 324 20.26 0.22 20.61
CA GLY B 324 21.11 -0.84 21.05
C GLY B 324 20.41 -1.94 21.82
N ASP B 325 19.35 -1.66 22.56
CA ASP B 325 18.68 -2.77 23.25
C ASP B 325 17.82 -3.52 22.25
N VAL B 326 17.77 -4.83 22.43
CA VAL B 326 17.14 -5.71 21.47
C VAL B 326 15.79 -6.16 22.04
N ILE B 327 14.80 -6.29 21.15
CA ILE B 327 13.39 -6.41 21.50
C ILE B 327 13.01 -7.87 21.39
N LEU B 328 12.68 -8.46 22.53
CA LEU B 328 12.07 -9.78 22.63
C LEU B 328 10.59 -9.73 22.29
N THR B 329 9.88 -8.73 22.80
CA THR B 329 8.44 -8.82 22.95
C THR B 329 7.86 -7.41 22.91
N ILE B 330 6.82 -7.21 22.10
CA ILE B 330 6.05 -5.96 22.08
C ILE B 330 4.57 -6.33 22.12
N ASP B 331 3.84 -5.76 23.09
CA ASP B 331 2.45 -6.11 23.37
C ASP B 331 2.32 -7.62 23.54
N LYS B 332 3.35 -8.20 24.17
CA LYS B 332 3.41 -9.62 24.50
C LYS B 332 3.74 -10.51 23.31
N GLN B 333 3.62 -9.99 22.08
CA GLN B 333 3.92 -10.77 20.89
C GLN B 333 5.38 -10.57 20.50
N GLU B 334 6.11 -11.69 20.41
CA GLU B 334 7.50 -11.67 20.00
C GLU B 334 7.65 -11.01 18.63
N ALA B 335 8.58 -10.06 18.54
CA ALA B 335 8.72 -9.29 17.32
C ALA B 335 9.76 -9.91 16.39
N SER B 336 9.68 -11.22 16.14
CA SER B 336 10.78 -11.94 15.46
C SER B 336 11.16 -11.37 14.10
N ASP B 337 10.26 -10.71 13.39
CA ASP B 337 10.60 -10.22 12.07
C ASP B 337 10.19 -8.76 11.93
N GLY B 338 11.02 -8.00 11.22
CA GLY B 338 10.84 -6.57 11.18
C GLY B 338 9.54 -6.15 10.52
N ARG B 339 9.22 -6.75 9.37
CA ARG B 339 8.03 -6.31 8.63
C ARG B 339 6.75 -6.74 9.33
N ARG B 340 6.69 -8.00 9.78
CA ARG B 340 5.63 -8.44 10.66
C ARG B 340 5.35 -7.43 11.78
N SER B 341 6.41 -6.94 12.43
CA SER B 341 6.23 -6.19 13.67
C SER B 341 5.76 -4.77 13.39
N MET B 342 6.27 -4.16 12.32
CA MET B 342 5.67 -2.93 11.81
C MET B 342 4.16 -3.07 11.73
N ASN B 343 3.71 -4.17 11.14
CA ASN B 343 2.29 -4.32 10.89
C ASN B 343 1.53 -4.39 12.20
N GLN B 344 1.93 -5.33 13.08
CA GLN B 344 1.31 -5.45 14.40
C GLN B 344 1.23 -4.10 15.11
N VAL B 345 2.36 -3.41 15.22
CA VAL B 345 2.32 -2.10 15.86
C VAL B 345 1.38 -1.17 15.10
N ALA B 346 1.36 -1.28 13.77
CA ALA B 346 0.48 -0.44 12.99
C ALA B 346 -0.97 -0.68 13.36
N ARG B 347 -1.35 -1.95 13.53
CA ARG B 347 -2.71 -2.31 13.90
C ARG B 347 -2.86 -2.33 15.43
N THR B 348 -2.57 -1.17 16.03
CA THR B 348 -2.85 -0.90 17.45
C THR B 348 -3.45 0.49 17.57
N ARG B 349 -4.00 0.77 18.75
CA ARG B 349 -4.73 2.03 18.80
C ARG B 349 -3.99 3.03 19.69
N PRO B 350 -3.87 4.26 19.19
CA PRO B 350 -3.12 5.28 19.93
C PRO B 350 -3.73 5.57 21.29
N GLY B 351 -2.88 5.94 22.23
CA GLY B 351 -3.30 6.19 23.59
C GLY B 351 -3.30 4.98 24.49
N GLN B 352 -3.21 3.79 23.92
CA GLN B 352 -3.22 2.55 24.66
C GLN B 352 -1.85 2.27 25.27
N LYS B 353 -1.85 1.65 26.45
CA LYS B 353 -0.63 1.29 27.17
C LYS B 353 -0.28 -0.16 26.83
N ILE B 354 0.93 -0.39 26.31
CA ILE B 354 1.39 -1.75 26.06
C ILE B 354 2.85 -1.88 26.48
N SER B 355 3.20 -3.10 26.87
CA SER B 355 4.48 -3.36 27.50
C SER B 355 5.48 -3.81 26.45
N ILE B 356 6.75 -3.51 26.71
CA ILE B 356 7.84 -3.82 25.78
C ILE B 356 9.06 -4.31 26.56
N VAL B 357 9.76 -5.28 25.99
CA VAL B 357 10.84 -6.00 26.67
C VAL B 357 12.12 -5.89 25.86
N VAL B 358 13.17 -5.40 26.49
CA VAL B 358 14.45 -5.24 25.82
C VAL B 358 15.36 -6.41 26.15
N LEU B 359 16.45 -6.54 25.38
CA LEU B 359 17.24 -7.76 25.39
C LEU B 359 18.01 -7.95 26.69
N ARG B 360 17.94 -9.18 27.18
CA ARG B 360 18.82 -9.77 28.16
C ARG B 360 18.73 -11.27 27.88
N ASN B 361 19.74 -12.02 28.31
CA ASN B 361 19.81 -13.42 27.89
C ASN B 361 18.67 -14.27 28.43
N GLY B 362 17.84 -13.73 29.31
CA GLY B 362 16.78 -14.50 29.93
C GLY B 362 15.45 -14.25 29.28
N GLN B 363 14.43 -14.09 30.11
CA GLN B 363 13.10 -13.92 29.56
C GLN B 363 12.84 -12.47 29.18
N LYS B 364 13.17 -11.52 30.05
CA LYS B 364 12.67 -10.17 29.83
C LYS B 364 13.64 -9.11 30.38
N VAL B 365 13.26 -7.84 30.12
CA VAL B 365 13.73 -6.57 30.69
C VAL B 365 12.60 -5.60 30.36
N ASN B 366 11.88 -5.14 31.36
CA ASN B 366 10.49 -4.73 31.18
C ASN B 366 10.31 -3.23 31.12
N LEU B 367 9.83 -2.75 29.97
CA LEU B 367 9.44 -1.35 29.78
C LEU B 367 7.98 -1.26 29.40
N THR B 368 7.46 -0.04 29.44
CA THR B 368 6.09 0.25 29.03
C THR B 368 6.08 1.47 28.12
N ALA B 369 5.09 1.53 27.22
CA ALA B 369 4.93 2.63 26.28
C ALA B 369 3.46 2.90 26.02
N GLU B 370 3.10 4.17 25.92
CA GLU B 370 1.75 4.59 25.53
C GLU B 370 1.72 4.73 24.01
N VAL B 371 0.89 3.93 23.34
CA VAL B 371 0.86 3.94 21.87
C VAL B 371 0.47 5.32 21.38
N GLY B 372 1.36 5.97 20.64
CA GLY B 372 1.05 7.21 19.99
C GLY B 372 0.38 7.02 18.62
N LEU B 373 -0.02 8.16 18.01
CA LEU B 373 -0.47 8.23 16.62
C LEU B 373 0.73 8.49 15.70
N ARG B 374 0.78 7.73 14.52
CA ARG B 374 1.92 8.03 13.67
C ARG B 374 1.65 9.30 12.87
N PRO B 375 2.59 10.25 12.86
CA PRO B 375 2.33 11.54 12.20
C PRO B 375 2.18 11.34 10.70
N PRO B 376 2.03 12.41 9.92
CA PRO B 376 2.36 12.31 8.51
C PRO B 376 3.84 12.07 8.36
N PRO B 377 4.26 11.26 7.37
CA PRO B 377 5.66 10.82 7.30
C PRO B 377 6.65 11.99 7.22
N ASP B 386 2.84 7.56 -12.45
CA ASP B 386 3.16 6.15 -12.26
C ASP B 386 4.64 5.90 -11.95
N GLY B 387 4.94 5.58 -10.70
CA GLY B 387 6.30 5.72 -10.18
C GLY B 387 7.27 4.69 -10.72
N GLY B 388 8.54 5.06 -10.76
CA GLY B 388 9.53 4.16 -11.33
C GLY B 388 10.74 3.99 -10.47
N GLU B 389 10.99 2.77 -10.03
CA GLU B 389 12.26 2.44 -9.41
C GLU B 389 13.23 1.91 -10.46
#